data_1Q0P
#
_entry.id   1Q0P
#
_cell.length_a   72.560
_cell.length_b   72.560
_cell.length_c   76.060
_cell.angle_alpha   90.00
_cell.angle_beta   90.00
_cell.angle_gamma   120.00
#
_symmetry.space_group_name_H-M   'P 63'
#
loop_
_entity.id
_entity.type
_entity.pdbx_description
1 polymer 'Complement factor B'
2 non-polymer 'MANGANESE (II) ION'
3 water water
#
_entity_poly.entity_id   1
_entity_poly.type   'polypeptide(L)'
_entity_poly.pdbx_seq_one_letter_code
;GEQQKRKIVLDPSGSMNIYLVLDGSDSIGASNFTGAKKSLVNLIEKVASYGVKPRYGLVTYATYPKIWVKVSEADSSNAD
WVTKQLNEINYEDHKLKSGTNTKKALQAVYSMMSWPDDVPPEGWNRTRHVIILMTDGLHNMGGDPITVIDEIRDLLYIGK
DRKNPREDYLDVYVFGVGPLVNQVNINALASKKDNEQHVFKVKDMENLEDVFYQMIDESQSLS
;
_entity_poly.pdbx_strand_id   A
#
# COMPACT_ATOMS: atom_id res chain seq x y z
N SER A 15 -10.55 -6.47 12.74
CA SER A 15 -10.82 -6.03 11.34
C SER A 15 -9.58 -5.35 10.77
N MET A 16 -9.16 -5.77 9.58
CA MET A 16 -7.95 -5.16 9.00
C MET A 16 -8.07 -5.06 7.50
N ASN A 17 -7.52 -3.98 6.94
CA ASN A 17 -7.50 -3.78 5.49
C ASN A 17 -6.02 -3.68 5.15
N ILE A 18 -5.60 -4.40 4.11
CA ILE A 18 -4.19 -4.35 3.70
C ILE A 18 -4.18 -3.83 2.26
N TYR A 19 -3.47 -2.72 2.03
CA TYR A 19 -3.43 -2.14 0.71
C TYR A 19 -2.06 -2.40 0.07
N LEU A 20 -2.05 -3.23 -0.98
CA LEU A 20 -0.81 -3.60 -1.69
C LEU A 20 -0.67 -2.61 -2.84
N VAL A 21 0.42 -1.83 -2.83
CA VAL A 21 0.65 -0.82 -3.85
C VAL A 21 2.02 -1.13 -4.45
N LEU A 22 2.02 -1.49 -5.73
CA LEU A 22 3.25 -1.88 -6.42
C LEU A 22 3.58 -0.95 -7.58
N ASP A 23 4.73 -0.30 -7.46
CA ASP A 23 5.24 0.63 -8.46
C ASP A 23 5.57 -0.21 -9.73
N GLY A 24 4.94 0.14 -10.85
CA GLY A 24 5.20 -0.58 -12.10
C GLY A 24 5.84 0.30 -13.16
N SER A 25 6.60 1.31 -12.72
CA SER A 25 7.28 2.24 -13.63
C SER A 25 8.57 1.67 -14.19
N ASP A 26 9.07 2.24 -15.29
CA ASP A 26 10.31 1.75 -15.90
C ASP A 26 11.52 1.65 -14.99
N SER A 27 11.65 2.58 -14.04
CA SER A 27 12.78 2.58 -13.14
C SER A 27 12.91 1.26 -12.38
N ILE A 28 11.77 0.63 -12.14
CA ILE A 28 11.74 -0.62 -11.37
C ILE A 28 12.44 -1.78 -12.08
N GLY A 29 12.02 -2.04 -13.31
CA GLY A 29 12.63 -3.12 -14.06
C GLY A 29 11.85 -4.41 -13.91
N ALA A 30 11.72 -5.15 -15.01
CA ALA A 30 10.97 -6.40 -15.04
C ALA A 30 11.39 -7.38 -13.95
N SER A 31 12.69 -7.62 -13.83
CA SER A 31 13.22 -8.54 -12.85
C SER A 31 12.79 -8.18 -11.43
N ASN A 32 13.03 -6.94 -11.03
CA ASN A 32 12.65 -6.51 -9.67
C ASN A 32 11.14 -6.45 -9.46
N PHE A 33 10.39 -6.19 -10.52
CA PHE A 33 8.94 -6.13 -10.42
C PHE A 33 8.46 -7.55 -10.14
N THR A 34 9.03 -8.52 -10.86
CA THR A 34 8.67 -9.92 -10.69
C THR A 34 9.02 -10.36 -9.28
N GLY A 35 10.13 -9.83 -8.76
CA GLY A 35 10.53 -10.17 -7.40
C GLY A 35 9.54 -9.58 -6.41
N ALA A 36 9.15 -8.32 -6.62
CA ALA A 36 8.21 -7.67 -5.72
C ALA A 36 6.91 -8.46 -5.65
N LYS A 37 6.37 -8.85 -6.80
CA LYS A 37 5.14 -9.63 -6.81
C LYS A 37 5.31 -10.89 -5.97
N LYS A 38 6.42 -11.58 -6.15
CA LYS A 38 6.64 -12.81 -5.39
C LYS A 38 6.66 -12.54 -3.89
N SER A 39 7.21 -11.41 -3.49
CA SER A 39 7.28 -11.06 -2.09
C SER A 39 5.88 -10.80 -1.55
N LEU A 40 5.00 -10.21 -2.36
CA LEU A 40 3.63 -9.93 -1.96
C LEU A 40 2.83 -11.24 -1.85
N VAL A 41 3.18 -12.21 -2.67
CA VAL A 41 2.49 -13.50 -2.62
C VAL A 41 2.88 -14.19 -1.33
N ASN A 42 4.16 -14.16 -0.98
CA ASN A 42 4.58 -14.79 0.28
C ASN A 42 3.99 -14.07 1.48
N LEU A 43 3.89 -12.74 1.39
CA LEU A 43 3.31 -11.96 2.47
C LEU A 43 1.88 -12.40 2.74
N ILE A 44 1.11 -12.51 1.68
CA ILE A 44 -0.28 -12.93 1.82
C ILE A 44 -0.38 -14.30 2.47
N GLU A 45 0.52 -15.22 2.11
CA GLU A 45 0.48 -16.55 2.70
C GLU A 45 0.94 -16.51 4.17
N LYS A 46 1.93 -15.70 4.48
CA LYS A 46 2.41 -15.57 5.85
C LYS A 46 1.30 -14.99 6.74
N VAL A 47 0.51 -14.06 6.19
CA VAL A 47 -0.60 -13.46 6.94
C VAL A 47 -1.68 -14.50 7.20
N ALA A 48 -2.10 -15.15 6.13
CA ALA A 48 -3.12 -16.19 6.21
C ALA A 48 -2.66 -17.33 7.12
N SER A 49 -1.35 -17.52 7.28
CA SER A 49 -0.87 -18.61 8.13
C SER A 49 -1.22 -18.34 9.59
N TYR A 50 -1.70 -17.14 9.88
CA TYR A 50 -2.07 -16.77 11.23
C TYR A 50 -3.58 -16.90 11.46
N GLY A 51 -4.29 -17.36 10.45
CA GLY A 51 -5.73 -17.52 10.59
C GLY A 51 -6.48 -16.22 10.76
N VAL A 52 -6.07 -15.20 10.01
CA VAL A 52 -6.74 -13.91 10.04
C VAL A 52 -7.18 -13.65 8.60
N LYS A 53 -8.24 -12.87 8.43
CA LYS A 53 -8.79 -12.58 7.10
C LYS A 53 -8.97 -11.10 6.74
N PRO A 54 -7.88 -10.41 6.41
CA PRO A 54 -8.00 -8.99 6.05
C PRO A 54 -8.66 -8.81 4.70
N ARG A 55 -9.18 -7.61 4.46
CA ARG A 55 -9.71 -7.31 3.14
C ARG A 55 -8.49 -6.72 2.44
N TYR A 56 -8.24 -7.13 1.21
CA TYR A 56 -7.08 -6.61 0.49
C TYR A 56 -7.46 -5.60 -0.58
N GLY A 57 -6.53 -4.68 -0.87
CA GLY A 57 -6.71 -3.70 -1.93
C GLY A 57 -5.45 -3.95 -2.77
N LEU A 58 -5.53 -3.84 -4.09
CA LEU A 58 -4.34 -4.09 -4.94
C LEU A 58 -4.24 -3.02 -6.01
N VAL A 59 -3.15 -2.28 -5.98
CA VAL A 59 -2.92 -1.18 -6.90
C VAL A 59 -1.51 -1.25 -7.51
N THR A 60 -1.39 -0.92 -8.81
CA THR A 60 -0.08 -0.83 -9.49
C THR A 60 -0.08 0.57 -10.05
N TYR A 61 1.10 1.15 -10.29
CA TYR A 61 1.06 2.49 -10.80
C TYR A 61 2.35 2.93 -11.51
N ALA A 62 2.22 4.00 -12.28
CA ALA A 62 3.35 4.62 -12.96
C ALA A 62 2.90 6.05 -13.09
N THR A 63 2.62 6.51 -14.30
CA THR A 63 2.13 7.86 -14.46
C THR A 63 0.78 7.96 -13.82
N TYR A 64 0.05 6.84 -13.88
CA TYR A 64 -1.28 6.75 -13.28
C TYR A 64 -1.41 5.43 -12.55
N PRO A 65 -2.37 5.35 -11.63
CA PRO A 65 -2.55 4.11 -10.89
C PRO A 65 -3.64 3.25 -11.54
N LYS A 66 -3.60 1.97 -11.28
CA LYS A 66 -4.61 1.01 -11.76
C LYS A 66 -5.05 0.20 -10.53
N ILE A 67 -6.35 0.20 -10.23
CA ILE A 67 -6.83 -0.56 -9.08
C ILE A 67 -7.29 -1.92 -9.57
N TRP A 68 -6.63 -2.98 -9.12
CA TRP A 68 -6.96 -4.33 -9.50
C TRP A 68 -7.99 -4.98 -8.60
N VAL A 69 -7.93 -4.65 -7.31
CA VAL A 69 -8.85 -5.17 -6.31
C VAL A 69 -9.15 -4.06 -5.30
N LYS A 70 -10.43 -3.86 -4.97
CA LYS A 70 -10.85 -2.84 -4.00
C LYS A 70 -11.24 -3.58 -2.72
N VAL A 71 -10.99 -2.98 -1.56
CA VAL A 71 -11.32 -3.68 -0.33
C VAL A 71 -12.82 -3.99 -0.23
N SER A 72 -13.64 -3.16 -0.87
CA SER A 72 -15.09 -3.34 -0.84
C SER A 72 -15.60 -4.53 -1.64
N GLU A 73 -14.75 -5.07 -2.53
CA GLU A 73 -15.14 -6.23 -3.34
C GLU A 73 -15.41 -7.46 -2.50
N ALA A 74 -16.36 -8.27 -2.96
CA ALA A 74 -16.75 -9.49 -2.28
C ALA A 74 -15.61 -10.39 -1.82
N ASP A 75 -14.81 -10.84 -2.77
CA ASP A 75 -13.71 -11.75 -2.45
C ASP A 75 -12.41 -11.12 -1.98
N SER A 76 -12.42 -9.83 -1.67
CA SER A 76 -11.20 -9.15 -1.23
C SER A 76 -10.58 -9.78 0.00
N SER A 77 -11.33 -10.60 0.73
CA SER A 77 -10.78 -11.25 1.92
C SER A 77 -10.43 -12.72 1.68
N ASN A 78 -10.49 -13.14 0.43
CA ASN A 78 -10.16 -14.52 0.05
C ASN A 78 -8.69 -14.52 -0.39
N ALA A 79 -7.79 -14.99 0.47
CA ALA A 79 -6.36 -14.99 0.16
C ALA A 79 -5.97 -15.70 -1.12
N ASP A 80 -6.65 -16.80 -1.43
CA ASP A 80 -6.35 -17.55 -2.65
C ASP A 80 -6.70 -16.69 -3.85
N TRP A 81 -7.93 -16.16 -3.85
CA TRP A 81 -8.43 -15.31 -4.92
C TRP A 81 -7.55 -14.07 -5.09
N VAL A 82 -7.14 -13.48 -3.97
CA VAL A 82 -6.30 -12.30 -4.08
C VAL A 82 -4.96 -12.68 -4.67
N THR A 83 -4.35 -13.75 -4.16
CA THR A 83 -3.07 -14.21 -4.69
C THR A 83 -3.19 -14.41 -6.22
N LYS A 84 -4.36 -14.85 -6.67
CA LYS A 84 -4.58 -15.09 -8.10
C LYS A 84 -4.64 -13.83 -8.95
N GLN A 85 -5.29 -12.79 -8.45
CA GLN A 85 -5.38 -11.53 -9.20
C GLN A 85 -3.98 -10.91 -9.34
N LEU A 86 -3.17 -11.08 -8.29
CA LEU A 86 -1.83 -10.55 -8.24
C LEU A 86 -0.96 -11.19 -9.31
N ASN A 87 -0.91 -12.51 -9.30
CA ASN A 87 -0.09 -13.26 -10.26
C ASN A 87 -0.45 -12.97 -11.70
N GLU A 88 -1.69 -12.54 -11.95
CA GLU A 88 -2.08 -12.22 -13.31
C GLU A 88 -1.64 -10.85 -13.80
N ILE A 89 -1.00 -10.07 -12.93
CA ILE A 89 -0.53 -8.76 -13.32
C ILE A 89 0.82 -8.90 -14.03
N ASN A 90 0.94 -8.30 -15.20
CA ASN A 90 2.18 -8.35 -15.97
C ASN A 90 2.83 -6.96 -16.01
N TYR A 91 4.16 -6.93 -15.87
CA TYR A 91 4.91 -5.68 -15.87
C TYR A 91 4.63 -4.85 -17.12
N GLU A 92 4.21 -5.51 -18.21
CA GLU A 92 3.91 -4.79 -19.44
C GLU A 92 2.48 -4.27 -19.40
N ASP A 93 1.67 -4.89 -18.55
CA ASP A 93 0.26 -4.52 -18.42
C ASP A 93 -0.01 -3.08 -17.96
N HIS A 94 1.02 -2.25 -17.89
CA HIS A 94 0.85 -0.85 -17.48
C HIS A 94 1.25 0.11 -18.60
N LYS A 95 0.42 1.12 -18.81
CA LYS A 95 0.65 2.11 -19.86
C LYS A 95 1.93 2.94 -19.71
N LEU A 96 1.75 4.25 -19.56
CA LEU A 96 2.86 5.18 -19.42
C LEU A 96 3.79 4.89 -18.25
N LYS A 97 4.77 4.01 -18.46
CA LYS A 97 5.71 3.68 -17.40
C LYS A 97 6.87 4.65 -17.35
N SER A 98 6.81 5.69 -18.17
CA SER A 98 7.90 6.64 -18.20
C SER A 98 7.78 7.69 -17.09
N GLY A 99 6.72 7.59 -16.29
CA GLY A 99 6.53 8.53 -15.18
C GLY A 99 6.19 7.78 -13.91
N THR A 100 6.44 8.40 -12.76
CA THR A 100 6.17 7.75 -11.47
C THR A 100 5.44 8.77 -10.59
N ASN A 101 4.14 8.54 -10.39
CA ASN A 101 3.37 9.47 -9.58
C ASN A 101 2.89 8.74 -8.34
N THR A 102 3.74 8.71 -7.33
CA THR A 102 3.40 8.03 -6.10
C THR A 102 2.22 8.71 -5.36
N LYS A 103 2.12 10.02 -5.48
CA LYS A 103 1.03 10.73 -4.85
C LYS A 103 -0.30 10.19 -5.38
N LYS A 104 -0.42 10.01 -6.69
CA LYS A 104 -1.67 9.47 -7.24
C LYS A 104 -1.97 8.03 -6.77
N ALA A 105 -0.94 7.22 -6.62
CA ALA A 105 -1.11 5.86 -6.15
C ALA A 105 -1.67 5.86 -4.72
N LEU A 106 -1.18 6.78 -3.87
CA LEU A 106 -1.71 6.83 -2.51
C LEU A 106 -3.13 7.41 -2.48
N GLN A 107 -3.43 8.32 -3.40
CA GLN A 107 -4.80 8.87 -3.49
C GLN A 107 -5.74 7.73 -3.87
N ALA A 108 -5.23 6.74 -4.59
CA ALA A 108 -6.04 5.58 -4.95
C ALA A 108 -6.40 4.84 -3.66
N VAL A 109 -5.46 4.75 -2.73
CA VAL A 109 -5.71 4.09 -1.46
C VAL A 109 -6.72 4.91 -0.67
N TYR A 110 -6.54 6.22 -0.66
CA TYR A 110 -7.44 7.10 0.03
C TYR A 110 -8.87 6.90 -0.48
N SER A 111 -9.03 6.90 -1.79
CA SER A 111 -10.37 6.70 -2.37
C SER A 111 -10.97 5.40 -1.84
N MET A 112 -10.15 4.38 -1.69
CA MET A 112 -10.59 3.10 -1.16
C MET A 112 -11.05 3.17 0.30
N MET A 113 -10.58 4.20 1.00
CA MET A 113 -10.95 4.42 2.40
C MET A 113 -12.17 5.33 2.53
N SER A 114 -12.57 5.96 1.44
CA SER A 114 -13.71 6.87 1.45
C SER A 114 -14.94 6.27 2.11
N TRP A 115 -15.72 7.14 2.76
CA TRP A 115 -16.95 6.71 3.41
C TRP A 115 -18.08 6.67 2.38
N PRO A 116 -18.90 5.62 2.44
CA PRO A 116 -20.04 5.45 1.54
C PRO A 116 -21.21 6.43 1.74
N ASP A 117 -21.56 6.71 2.99
CA ASP A 117 -22.70 7.58 3.29
C ASP A 117 -22.38 8.87 4.05
N ASP A 118 -21.37 9.57 3.61
CA ASP A 118 -20.94 10.82 4.23
C ASP A 118 -20.56 10.75 5.71
N VAL A 119 -20.83 9.62 6.35
CA VAL A 119 -20.49 9.44 7.77
C VAL A 119 -19.63 8.18 7.96
N PRO A 120 -18.79 8.16 8.99
CA PRO A 120 -17.94 7.00 9.27
C PRO A 120 -18.80 5.71 9.28
N PRO A 121 -18.34 4.66 8.59
CA PRO A 121 -19.13 3.42 8.55
C PRO A 121 -19.17 2.75 9.94
N GLU A 122 -20.16 1.89 10.15
CA GLU A 122 -20.27 1.22 11.45
C GLU A 122 -18.99 0.44 11.75
N GLY A 123 -18.41 0.63 12.94
CA GLY A 123 -17.19 -0.07 13.30
C GLY A 123 -15.90 0.44 12.67
N TRP A 124 -15.97 1.62 12.05
CA TRP A 124 -14.82 2.22 11.38
C TRP A 124 -13.59 2.42 12.25
N ASN A 125 -13.78 2.69 13.54
CA ASN A 125 -12.68 2.95 14.46
C ASN A 125 -11.98 1.67 14.93
N ARG A 126 -12.51 0.52 14.53
CA ARG A 126 -11.94 -0.75 14.91
C ARG A 126 -11.07 -1.38 13.83
N THR A 127 -11.13 -0.82 12.63
CA THR A 127 -10.37 -1.38 11.49
C THR A 127 -8.94 -0.89 11.44
N ARG A 128 -7.99 -1.82 11.39
CA ARG A 128 -6.58 -1.43 11.26
C ARG A 128 -6.28 -1.32 9.77
N HIS A 129 -5.54 -0.28 9.35
CA HIS A 129 -5.24 -0.09 7.94
C HIS A 129 -3.75 -0.26 7.78
N VAL A 130 -3.36 -1.12 6.84
CA VAL A 130 -1.95 -1.37 6.61
C VAL A 130 -1.64 -1.16 5.14
N ILE A 131 -0.78 -0.20 4.84
CA ILE A 131 -0.38 0.05 3.46
C ILE A 131 0.99 -0.61 3.25
N ILE A 132 1.16 -1.37 2.17
CA ILE A 132 2.44 -2.01 1.84
C ILE A 132 2.83 -1.45 0.48
N LEU A 133 3.78 -0.51 0.48
CA LEU A 133 4.22 0.17 -0.74
C LEU A 133 5.59 -0.37 -1.20
N MET A 134 5.66 -0.83 -2.45
CA MET A 134 6.89 -1.36 -3.05
C MET A 134 7.31 -0.33 -4.11
N THR A 135 8.39 0.41 -3.86
CA THR A 135 8.85 1.42 -4.80
C THR A 135 10.37 1.67 -4.63
N ASP A 136 10.95 2.41 -5.56
CA ASP A 136 12.36 2.77 -5.43
C ASP A 136 12.45 4.22 -4.89
N GLY A 137 11.29 4.82 -4.60
CA GLY A 137 11.25 6.18 -4.08
C GLY A 137 11.54 7.27 -5.11
N LEU A 138 11.66 6.90 -6.39
CA LEU A 138 11.97 7.91 -7.41
C LEU A 138 10.73 8.56 -8.06
N HIS A 139 9.83 9.10 -7.25
CA HIS A 139 8.67 9.74 -7.87
C HIS A 139 9.17 10.97 -8.62
N ASN A 140 8.51 11.27 -9.73
CA ASN A 140 8.95 12.39 -10.56
C ASN A 140 7.82 13.21 -11.15
N MET A 141 6.59 12.93 -10.71
CA MET A 141 5.39 13.64 -11.12
C MET A 141 4.42 13.62 -9.94
N GLY A 142 3.55 14.63 -9.86
CA GLY A 142 2.53 14.65 -8.82
C GLY A 142 2.83 15.31 -7.49
N GLY A 143 4.10 15.61 -7.24
CA GLY A 143 4.43 16.25 -5.97
C GLY A 143 4.68 15.28 -4.86
N ASP A 144 4.90 15.85 -3.67
CA ASP A 144 5.23 15.05 -2.49
C ASP A 144 4.06 14.14 -2.07
N PRO A 145 4.30 12.83 -2.06
CA PRO A 145 3.23 11.91 -1.66
C PRO A 145 2.88 11.92 -0.16
N ILE A 146 3.74 12.53 0.66
CA ILE A 146 3.50 12.55 2.10
C ILE A 146 2.20 13.24 2.50
N THR A 147 1.77 14.20 1.71
CA THR A 147 0.54 14.91 2.00
C THR A 147 -0.68 13.99 2.00
N VAL A 148 -0.64 12.94 1.17
CA VAL A 148 -1.77 12.00 1.13
C VAL A 148 -1.77 11.16 2.41
N ILE A 149 -0.59 10.81 2.91
CA ILE A 149 -0.54 10.08 4.18
C ILE A 149 -1.18 10.96 5.23
N ASP A 150 -0.92 12.27 5.19
CA ASP A 150 -1.54 13.16 6.17
C ASP A 150 -3.07 13.18 5.99
N GLU A 151 -3.54 13.13 4.74
CA GLU A 151 -4.99 13.15 4.49
C GLU A 151 -5.63 11.86 4.99
N ILE A 152 -4.93 10.74 4.85
CA ILE A 152 -5.42 9.45 5.34
C ILE A 152 -5.52 9.48 6.88
N ARG A 153 -4.48 10.03 7.53
CA ARG A 153 -4.50 10.11 9.00
C ARG A 153 -5.68 10.98 9.48
N ASP A 154 -5.99 12.04 8.74
CA ASP A 154 -7.12 12.92 9.09
C ASP A 154 -8.45 12.15 8.99
N LEU A 155 -8.63 11.45 7.86
CA LEU A 155 -9.87 10.71 7.66
C LEU A 155 -10.03 9.62 8.72
N LEU A 156 -8.93 9.01 9.14
CA LEU A 156 -8.96 7.92 10.14
C LEU A 156 -8.90 8.45 11.57
N TYR A 157 -8.84 9.77 11.73
CA TYR A 157 -8.79 10.37 13.04
C TYR A 157 -7.60 9.83 13.82
N ILE A 158 -6.43 9.88 13.20
CA ILE A 158 -5.21 9.43 13.82
C ILE A 158 -4.36 10.67 14.13
N GLY A 159 -3.86 10.71 15.36
CA GLY A 159 -3.05 11.84 15.81
C GLY A 159 -3.87 13.08 16.06
N LYS A 160 -5.17 12.93 16.35
CA LYS A 160 -6.07 14.08 16.56
C LYS A 160 -6.41 14.31 18.03
N ASP A 161 -6.89 13.24 18.67
CA ASP A 161 -7.26 13.23 20.09
C ASP A 161 -5.98 12.93 20.89
N ARG A 162 -5.52 13.90 21.70
CA ARG A 162 -4.30 13.66 22.46
C ARG A 162 -4.39 12.50 23.44
N LYS A 163 -5.61 12.08 23.79
CA LYS A 163 -5.75 10.96 24.71
C LYS A 163 -6.08 9.63 24.03
N ASN A 164 -6.30 9.68 22.71
CA ASN A 164 -6.62 8.50 21.91
C ASN A 164 -6.06 8.77 20.51
N PRO A 165 -4.72 8.82 20.37
CA PRO A 165 -4.01 9.08 19.12
C PRO A 165 -4.34 8.10 17.99
N ARG A 166 -4.72 6.86 18.34
CA ARG A 166 -5.08 5.84 17.38
C ARG A 166 -3.98 5.47 16.37
N GLU A 167 -2.72 5.62 16.77
CA GLU A 167 -1.61 5.31 15.88
C GLU A 167 -1.59 3.83 15.53
N ASP A 168 -2.20 3.00 16.39
CA ASP A 168 -2.24 1.57 16.14
C ASP A 168 -3.09 1.21 14.92
N TYR A 169 -3.89 2.16 14.46
CA TYR A 169 -4.78 1.87 13.35
C TYR A 169 -4.29 2.13 11.95
N LEU A 170 -3.06 2.62 11.84
CA LEU A 170 -2.45 2.83 10.53
C LEU A 170 -0.97 2.42 10.60
N ASP A 171 -0.55 1.64 9.62
CA ASP A 171 0.86 1.27 9.51
C ASP A 171 1.19 1.42 8.04
N VAL A 172 2.32 2.06 7.73
CA VAL A 172 2.74 2.22 6.36
C VAL A 172 4.10 1.55 6.25
N TYR A 173 4.14 0.43 5.52
CA TYR A 173 5.41 -0.27 5.31
C TYR A 173 5.89 0.03 3.91
N VAL A 174 7.19 0.26 3.77
CA VAL A 174 7.71 0.55 2.43
C VAL A 174 8.89 -0.37 2.19
N PHE A 175 8.84 -1.05 1.04
CA PHE A 175 9.89 -1.98 0.64
C PHE A 175 10.61 -1.35 -0.53
N GLY A 176 11.90 -1.11 -0.34
CA GLY A 176 12.72 -0.52 -1.37
C GLY A 176 13.03 -1.55 -2.45
N VAL A 177 12.74 -1.20 -3.70
CA VAL A 177 12.94 -2.09 -4.83
C VAL A 177 14.07 -1.60 -5.71
N GLY A 178 14.89 -2.52 -6.20
CA GLY A 178 15.98 -2.13 -7.08
C GLY A 178 17.24 -1.60 -6.43
N PRO A 179 18.31 -1.44 -7.22
CA PRO A 179 19.62 -0.94 -6.77
C PRO A 179 19.61 0.58 -6.68
N LEU A 180 18.72 1.22 -7.44
CA LEU A 180 18.63 2.67 -7.43
C LEU A 180 17.40 3.18 -6.70
N VAL A 181 17.58 3.51 -5.43
CA VAL A 181 16.46 3.99 -4.62
C VAL A 181 16.78 5.31 -3.94
N ASN A 182 15.73 6.10 -3.69
CA ASN A 182 15.88 7.35 -3.00
C ASN A 182 15.47 6.95 -1.58
N GLN A 183 16.46 6.61 -0.75
CA GLN A 183 16.17 6.18 0.60
C GLN A 183 15.53 7.25 1.46
N VAL A 184 15.85 8.51 1.19
CA VAL A 184 15.26 9.61 1.94
C VAL A 184 13.74 9.60 1.71
N ASN A 185 13.30 9.40 0.47
CA ASN A 185 11.87 9.37 0.15
C ASN A 185 11.12 8.15 0.69
N ILE A 186 11.78 7.01 0.65
CA ILE A 186 11.21 5.79 1.16
C ILE A 186 11.00 5.98 2.66
N ASN A 187 12.04 6.47 3.33
CA ASN A 187 11.97 6.68 4.77
C ASN A 187 10.86 7.68 5.16
N ALA A 188 10.65 8.70 4.33
CA ALA A 188 9.66 9.74 4.58
C ALA A 188 8.24 9.21 4.54
N LEU A 189 8.01 8.16 3.77
CA LEU A 189 6.67 7.58 3.66
C LEU A 189 6.30 6.54 4.70
N ALA A 190 7.30 5.82 5.20
CA ALA A 190 7.05 4.75 6.18
C ALA A 190 6.69 5.28 7.55
N SER A 191 5.93 4.50 8.30
CA SER A 191 5.58 4.90 9.65
C SER A 191 6.90 4.93 10.44
N LYS A 192 6.89 5.71 11.52
CA LYS A 192 8.05 5.83 12.40
C LYS A 192 7.48 5.56 13.80
N LYS A 193 7.60 4.33 14.25
CA LYS A 193 7.10 3.97 15.56
C LYS A 193 8.22 3.41 16.43
N ASP A 194 8.27 3.86 17.69
CA ASP A 194 9.28 3.44 18.65
C ASP A 194 9.50 1.93 18.63
N ASN A 195 10.77 1.56 18.58
CA ASN A 195 11.19 0.16 18.59
C ASN A 195 10.50 -0.74 17.59
N GLU A 196 10.11 -0.17 16.45
CA GLU A 196 9.47 -0.91 15.37
C GLU A 196 10.16 -0.49 14.09
N GLN A 197 10.17 -1.38 13.12
CA GLN A 197 10.76 -1.13 11.80
C GLN A 197 9.68 -1.19 10.68
N HIS A 198 9.63 -0.17 9.83
CA HIS A 198 8.64 -0.14 8.75
C HIS A 198 9.27 -0.04 7.37
N VAL A 199 10.59 0.17 7.34
CA VAL A 199 11.32 0.26 6.07
C VAL A 199 12.10 -1.04 5.82
N PHE A 200 11.88 -1.65 4.66
CA PHE A 200 12.56 -2.90 4.32
C PHE A 200 12.95 -2.92 2.85
N LYS A 201 13.56 -4.02 2.42
CA LYS A 201 13.93 -4.21 1.02
C LYS A 201 13.20 -5.45 0.58
N VAL A 202 13.00 -5.59 -0.73
CA VAL A 202 12.30 -6.75 -1.31
C VAL A 202 12.89 -8.05 -0.80
N LYS A 203 14.20 -8.08 -0.60
CA LYS A 203 14.89 -9.26 -0.11
C LYS A 203 14.38 -9.73 1.26
N ASP A 204 13.61 -8.89 1.94
CA ASP A 204 13.06 -9.23 3.26
C ASP A 204 11.65 -9.82 3.16
N LEU A 222 6.05 -7.43 8.67
CA LEU A 222 5.15 -7.75 7.52
C LEU A 222 3.85 -6.96 7.61
N SER A 223 2.75 -7.62 7.98
CA SER A 223 1.46 -6.97 8.10
C SER A 223 0.72 -7.39 9.36
#